data_1TKG
#
_entry.id   1TKG
#
_cell.length_a   43.86
_cell.length_b   41.22
_cell.length_c   68.24
_cell.angle_alpha   90.00
_cell.angle_beta   103.10
_cell.angle_gamma   90.00
#
_symmetry.space_group_name_H-M   'P 1 21 1'
#
loop_
_entity.id
_entity.type
_entity.pdbx_description
1 polymer 'Threonyl-tRNA synthetase'
2 non-polymer "5'-O-(N-(L-SERYL)-SULFAMOYL)ADENOSINE"
3 water water
#
_entity_poly.entity_id   1
_entity_poly.type   'polypeptide(L)'
_entity_poly.pdbx_seq_one_letter_code
;MPVITLPDGSQRHYDHAVSPMDVALDIGPGLAKACIAGRVNGELVDACDLIENDAQLSIITAKDEEGLEIIRHSCAHLLG
HAIKQLWPHTKMAIGPVIDNGFYYDVDLDRTLTQEDVEALEKRMHELAEKNYDVIKKKVSWHEARETFANRGESYKVSIL
DENIAHDDKPGLYFHEEYVDMCRGPHVPNMRFCHHFKLMKTAGAYWRGDSNNKMLQRIYGTAWA
;
_entity_poly.pdbx_strand_id   A
#
loop_
_chem_comp.id
_chem_comp.type
_chem_comp.name
_chem_comp.formula
SSA non-polymer 5'-O-(N-(L-SERYL)-SULFAMOYL)ADENOSINE 'C13 H19 N7 O8 S'
#
# COMPACT_ATOMS: atom_id res chain seq x y z
N MET A 1 -7.14 13.13 -25.98
CA MET A 1 -7.35 11.86 -26.75
C MET A 1 -6.02 11.09 -26.70
N PRO A 2 -5.66 10.55 -25.53
CA PRO A 2 -4.40 9.82 -25.39
C PRO A 2 -4.15 8.58 -26.24
N VAL A 3 -2.94 8.52 -26.79
CA VAL A 3 -2.49 7.38 -27.56
C VAL A 3 -1.56 6.67 -26.59
N ILE A 4 -1.91 5.43 -26.27
CA ILE A 4 -1.15 4.63 -25.33
C ILE A 4 -0.27 3.66 -26.09
N THR A 5 1.03 3.69 -25.83
CA THR A 5 1.95 2.78 -26.50
C THR A 5 2.42 1.73 -25.50
N LEU A 6 2.24 0.46 -25.87
CA LEU A 6 2.62 -0.66 -25.01
C LEU A 6 4.07 -1.02 -25.27
N PRO A 7 4.69 -1.84 -24.39
CA PRO A 7 6.10 -2.23 -24.54
C PRO A 7 6.54 -2.82 -25.87
N ASP A 8 5.62 -3.48 -26.58
CA ASP A 8 5.97 -4.07 -27.87
C ASP A 8 5.80 -3.09 -29.02
N GLY A 9 5.39 -1.86 -28.72
CA GLY A 9 5.19 -0.87 -29.76
C GLY A 9 3.75 -0.74 -30.24
N SER A 10 2.88 -1.65 -29.83
CA SER A 10 1.48 -1.56 -30.23
C SER A 10 0.87 -0.30 -29.61
N GLN A 11 -0.05 0.31 -30.34
CA GLN A 11 -0.68 1.53 -29.86
C GLN A 11 -2.19 1.43 -29.79
N ARG A 12 -2.75 2.06 -28.77
CA ARG A 12 -4.19 2.12 -28.56
C ARG A 12 -4.60 3.58 -28.51
N HIS A 13 -5.49 3.99 -29.40
CA HIS A 13 -5.96 5.37 -29.42
C HIS A 13 -7.26 5.50 -28.63
N TYR A 14 -7.32 6.50 -27.75
CA TYR A 14 -8.51 6.72 -26.94
C TYR A 14 -8.94 8.17 -27.07
N ASP A 15 -10.23 8.44 -26.85
CA ASP A 15 -10.67 9.84 -26.92
C ASP A 15 -11.04 10.37 -25.54
N HIS A 16 -10.52 9.69 -24.52
CA HIS A 16 -10.74 10.06 -23.13
C HIS A 16 -9.63 9.45 -22.27
N ALA A 17 -9.44 9.98 -21.07
CA ALA A 17 -8.43 9.48 -20.15
C ALA A 17 -8.75 8.04 -19.76
N VAL A 18 -7.71 7.23 -19.60
CA VAL A 18 -7.88 5.82 -19.25
C VAL A 18 -6.85 5.40 -18.24
N SER A 19 -7.21 4.45 -17.39
CA SER A 19 -6.28 3.94 -16.39
C SER A 19 -5.60 2.69 -16.90
N PRO A 20 -4.53 2.25 -16.22
CA PRO A 20 -3.85 1.03 -16.64
C PRO A 20 -4.85 -0.14 -16.64
N MET A 21 -5.74 -0.15 -15.65
CA MET A 21 -6.75 -1.22 -15.58
C MET A 21 -7.67 -1.17 -16.80
N ASP A 22 -8.06 0.04 -17.20
CA ASP A 22 -8.93 0.20 -18.37
C ASP A 22 -8.25 -0.41 -19.59
N VAL A 23 -6.98 -0.09 -19.78
CA VAL A 23 -6.26 -0.59 -20.93
C VAL A 23 -6.06 -2.11 -20.86
N ALA A 24 -5.75 -2.62 -19.67
CA ALA A 24 -5.55 -4.06 -19.51
C ALA A 24 -6.83 -4.78 -19.94
N LEU A 25 -7.98 -4.27 -19.51
CA LEU A 25 -9.27 -4.86 -19.86
C LEU A 25 -9.46 -4.85 -21.37
N ASP A 26 -9.05 -3.78 -22.02
CA ASP A 26 -9.21 -3.69 -23.45
C ASP A 26 -8.39 -4.74 -24.17
N ILE A 27 -7.22 -5.05 -23.61
CA ILE A 27 -6.34 -6.04 -24.20
C ILE A 27 -6.90 -7.45 -24.01
N GLY A 28 -7.43 -7.74 -22.82
CA GLY A 28 -8.00 -9.05 -22.58
C GLY A 28 -8.34 -9.32 -21.14
N PRO A 29 -9.24 -10.27 -20.88
CA PRO A 29 -9.62 -10.60 -19.52
C PRO A 29 -8.47 -11.13 -18.67
N GLY A 30 -7.57 -11.89 -19.28
CA GLY A 30 -6.45 -12.45 -18.56
C GLY A 30 -5.54 -11.38 -18.00
N LEU A 31 -5.20 -10.40 -18.84
CA LEU A 31 -4.33 -9.32 -18.41
C LEU A 31 -5.01 -8.45 -17.35
N ALA A 32 -6.30 -8.20 -17.51
CA ALA A 32 -7.01 -7.39 -16.52
C ALA A 32 -6.99 -8.08 -15.16
N LYS A 33 -7.21 -9.39 -15.15
CA LYS A 33 -7.23 -10.14 -13.90
C LYS A 33 -5.85 -10.16 -13.23
N ALA A 34 -4.80 -10.15 -14.03
CA ALA A 34 -3.42 -10.17 -13.51
C ALA A 34 -2.87 -8.79 -13.15
N CYS A 35 -3.54 -7.74 -13.62
CA CYS A 35 -3.09 -6.38 -13.40
C CYS A 35 -3.06 -5.91 -11.95
N ILE A 36 -1.86 -5.54 -11.49
CA ILE A 36 -1.67 -5.06 -10.14
C ILE A 36 -1.46 -3.56 -10.16
N ALA A 37 -0.74 -3.07 -11.16
CA ALA A 37 -0.45 -1.64 -11.26
C ALA A 37 0.04 -1.32 -12.66
N GLY A 38 0.56 -0.13 -12.85
CA GLY A 38 1.06 0.23 -14.15
C GLY A 38 2.32 1.07 -14.05
N ARG A 39 3.02 1.19 -15.17
CA ARG A 39 4.20 2.05 -15.26
C ARG A 39 3.86 2.95 -16.43
N VAL A 40 3.74 4.24 -16.14
CA VAL A 40 3.38 5.25 -17.13
C VAL A 40 4.54 6.22 -17.29
N ASN A 41 5.08 6.28 -18.51
CA ASN A 41 6.22 7.14 -18.81
C ASN A 41 7.34 6.90 -17.79
N GLY A 42 7.57 5.63 -17.51
CA GLY A 42 8.62 5.23 -16.60
C GLY A 42 8.32 5.24 -15.12
N GLU A 43 7.17 5.78 -14.73
CA GLU A 43 6.82 5.87 -13.32
C GLU A 43 5.72 4.93 -12.89
N LEU A 44 5.89 4.28 -11.73
CA LEU A 44 4.86 3.38 -11.23
C LEU A 44 3.64 4.15 -10.76
N VAL A 45 2.47 3.65 -11.12
CA VAL A 45 1.21 4.28 -10.72
C VAL A 45 0.23 3.18 -10.34
N ASP A 46 -0.81 3.54 -9.60
CA ASP A 46 -1.82 2.57 -9.25
C ASP A 46 -2.63 2.23 -10.50
N ALA A 47 -3.21 1.04 -10.53
CA ALA A 47 -4.00 0.60 -11.68
C ALA A 47 -5.21 1.47 -11.97
N CYS A 48 -5.67 2.21 -10.97
CA CYS A 48 -6.82 3.10 -11.11
C CYS A 48 -6.47 4.53 -11.51
N ASP A 49 -5.18 4.85 -11.57
CA ASP A 49 -4.74 6.20 -11.92
C ASP A 49 -4.96 6.52 -13.40
N LEU A 50 -5.66 7.61 -13.67
CA LEU A 50 -5.94 8.01 -15.05
C LEU A 50 -4.74 8.52 -15.82
N ILE A 51 -4.65 8.10 -17.07
CA ILE A 51 -3.61 8.53 -17.99
C ILE A 51 -4.33 9.52 -18.91
N GLU A 52 -4.01 10.80 -18.77
CA GLU A 52 -4.65 11.87 -19.54
C GLU A 52 -4.14 12.12 -20.95
N ASN A 53 -2.85 11.87 -21.17
CA ASN A 53 -2.25 12.16 -22.47
C ASN A 53 -1.40 11.02 -23.00
N ASP A 54 -0.96 11.16 -24.26
CA ASP A 54 -0.12 10.16 -24.91
C ASP A 54 0.92 9.70 -23.90
N ALA A 55 1.10 8.39 -23.81
CA ALA A 55 2.05 7.86 -22.85
C ALA A 55 2.50 6.46 -23.18
N GLN A 56 3.65 6.09 -22.62
CA GLN A 56 4.18 4.74 -22.74
C GLN A 56 3.62 4.05 -21.50
N LEU A 57 2.97 2.91 -21.68
CA LEU A 57 2.41 2.15 -20.57
C LEU A 57 2.87 0.71 -20.54
N SER A 58 3.11 0.20 -19.34
CA SER A 58 3.46 -1.19 -19.14
C SER A 58 2.52 -1.65 -18.01
N ILE A 59 1.96 -2.85 -18.14
CA ILE A 59 1.08 -3.37 -17.10
C ILE A 59 1.93 -4.20 -16.15
N ILE A 60 1.80 -3.93 -14.86
CA ILE A 60 2.55 -4.64 -13.83
C ILE A 60 1.70 -5.77 -13.27
N THR A 61 2.28 -6.96 -13.22
CA THR A 61 1.60 -8.13 -12.69
C THR A 61 2.50 -8.80 -11.66
N ALA A 62 2.03 -9.89 -11.07
CA ALA A 62 2.81 -10.60 -10.06
C ALA A 62 4.06 -11.24 -10.65
N LYS A 63 4.17 -11.27 -11.97
CA LYS A 63 5.35 -11.84 -12.61
C LYS A 63 6.50 -10.82 -12.65
N ASP A 64 6.18 -9.58 -12.32
CA ASP A 64 7.18 -8.52 -12.30
C ASP A 64 7.71 -8.34 -10.88
N GLU A 65 8.98 -8.03 -10.75
CA GLU A 65 9.54 -7.81 -9.42
C GLU A 65 8.77 -6.66 -8.78
N GLU A 66 8.35 -5.69 -9.58
CA GLU A 66 7.60 -4.56 -9.05
C GLU A 66 6.25 -5.00 -8.50
N GLY A 67 5.65 -6.02 -9.10
CA GLY A 67 4.37 -6.51 -8.63
C GLY A 67 4.52 -7.17 -7.27
N LEU A 68 5.62 -7.89 -7.10
CA LEU A 68 5.91 -8.58 -5.85
C LEU A 68 6.13 -7.52 -4.77
N GLU A 69 6.84 -6.44 -5.12
CA GLU A 69 7.09 -5.40 -4.14
C GLU A 69 5.78 -4.73 -3.72
N ILE A 70 4.87 -4.51 -4.68
CA ILE A 70 3.59 -3.90 -4.37
C ILE A 70 2.77 -4.82 -3.47
N ILE A 71 2.80 -6.13 -3.74
CA ILE A 71 2.08 -7.08 -2.91
C ILE A 71 2.59 -7.00 -1.47
N ARG A 72 3.92 -6.96 -1.33
CA ARG A 72 4.54 -6.85 -0.01
C ARG A 72 4.13 -5.56 0.68
N HIS A 73 4.09 -4.46 -0.07
CA HIS A 73 3.71 -3.19 0.53
C HIS A 73 2.28 -3.22 1.02
N SER A 74 1.40 -3.80 0.23
CA SER A 74 0.00 -3.88 0.64
C SER A 74 -0.18 -4.82 1.82
N CYS A 75 0.74 -5.77 1.99
CA CYS A 75 0.65 -6.64 3.15
C CYS A 75 0.98 -5.83 4.41
N ALA A 76 1.77 -4.76 4.26
CA ALA A 76 2.07 -3.91 5.40
C ALA A 76 0.75 -3.21 5.77
N HIS A 77 0.00 -2.77 4.75
CA HIS A 77 -1.29 -2.14 5.04
C HIS A 77 -2.22 -3.16 5.69
N LEU A 78 -2.15 -4.41 5.24
CA LEU A 78 -2.99 -5.47 5.80
C LEU A 78 -2.69 -5.69 7.27
N LEU A 79 -1.41 -5.58 7.62
CA LEU A 79 -0.99 -5.73 9.00
C LEU A 79 -1.65 -4.62 9.81
N GLY A 80 -1.65 -3.39 9.28
CA GLY A 80 -2.29 -2.28 10.00
C GLY A 80 -3.78 -2.52 10.17
N HIS A 81 -4.44 -2.94 9.10
CA HIS A 81 -5.87 -3.22 9.13
C HIS A 81 -6.15 -4.23 10.25
N ALA A 82 -5.37 -5.30 10.29
CA ALA A 82 -5.57 -6.33 11.31
C ALA A 82 -5.21 -5.91 12.73
N ILE A 83 -4.06 -5.28 12.92
CA ILE A 83 -3.63 -4.89 14.26
C ILE A 83 -4.57 -3.86 14.87
N LYS A 84 -5.18 -3.04 14.04
CA LYS A 84 -6.12 -2.01 14.50
C LYS A 84 -7.41 -2.65 15.01
N GLN A 85 -7.67 -3.89 14.60
CA GLN A 85 -8.86 -4.61 15.05
C GLN A 85 -8.58 -5.33 16.35
N LEU A 86 -7.41 -5.97 16.44
CA LEU A 86 -7.04 -6.71 17.64
C LEU A 86 -6.68 -5.78 18.81
N TRP A 87 -5.99 -4.69 18.51
CA TRP A 87 -5.60 -3.72 19.52
C TRP A 87 -5.84 -2.35 18.91
N PRO A 88 -7.10 -1.87 18.94
CA PRO A 88 -7.52 -0.58 18.40
C PRO A 88 -6.69 0.67 18.73
N HIS A 89 -6.13 0.73 19.93
CA HIS A 89 -5.35 1.92 20.30
C HIS A 89 -3.91 1.91 19.81
N THR A 90 -3.56 0.89 19.02
CA THR A 90 -2.24 0.78 18.44
C THR A 90 -2.04 1.99 17.52
N LYS A 91 -0.84 2.56 17.51
CA LYS A 91 -0.54 3.68 16.61
C LYS A 91 0.43 3.18 15.55
N MET A 92 0.16 3.53 14.30
CA MET A 92 0.98 3.10 13.17
C MET A 92 2.03 4.13 12.79
N ALA A 93 3.29 3.69 12.64
CA ALA A 93 4.36 4.61 12.29
C ALA A 93 4.75 4.47 10.80
N ILE A 94 5.81 3.73 10.51
CA ILE A 94 6.26 3.53 9.13
C ILE A 94 6.30 2.03 8.81
N GLY A 95 5.82 1.65 7.64
CA GLY A 95 5.80 0.24 7.26
C GLY A 95 6.13 0.06 5.79
N PRO A 96 7.42 -0.06 5.45
CA PRO A 96 7.84 -0.21 4.07
C PRO A 96 8.08 -1.61 3.56
N VAL A 97 8.27 -1.68 2.25
CA VAL A 97 8.63 -2.93 1.60
C VAL A 97 10.16 -2.88 1.63
N ILE A 98 10.78 -3.96 2.07
CA ILE A 98 12.24 -4.03 2.11
C ILE A 98 12.68 -5.22 1.29
N ASP A 99 13.98 -5.40 1.18
CA ASP A 99 14.52 -6.53 0.43
C ASP A 99 13.93 -7.80 1.05
N ASN A 100 13.30 -8.61 0.21
CA ASN A 100 12.72 -9.88 0.66
C ASN A 100 11.54 -9.83 1.61
N GLY A 101 10.91 -8.67 1.81
CA GLY A 101 9.76 -8.64 2.70
C GLY A 101 9.21 -7.27 2.99
N PHE A 102 8.73 -7.07 4.22
CA PHE A 102 8.19 -5.80 4.67
C PHE A 102 8.18 -5.80 6.18
N TYR A 103 7.87 -4.65 6.76
CA TYR A 103 7.73 -4.57 8.20
C TYR A 103 6.84 -3.38 8.51
N TYR A 104 6.38 -3.31 9.75
CA TYR A 104 5.59 -2.17 10.19
C TYR A 104 6.01 -1.85 11.62
N ASP A 105 6.41 -0.60 11.84
CA ASP A 105 6.78 -0.14 13.18
C ASP A 105 5.50 0.35 13.82
N VAL A 106 5.22 -0.13 15.02
CA VAL A 106 4.02 0.22 15.74
C VAL A 106 4.28 0.66 17.18
N ASP A 107 3.35 1.47 17.71
CA ASP A 107 3.42 1.95 19.10
C ASP A 107 2.23 1.33 19.81
N LEU A 108 2.51 0.34 20.67
CA LEU A 108 1.48 -0.36 21.42
C LEU A 108 2.04 -0.60 22.81
N ASP A 109 1.26 -0.27 23.85
CA ASP A 109 1.75 -0.47 25.21
C ASP A 109 2.00 -1.94 25.53
N ARG A 110 1.34 -2.82 24.82
CA ARG A 110 1.50 -4.25 25.02
C ARG A 110 2.67 -4.77 24.19
N THR A 111 3.61 -5.44 24.83
CA THR A 111 4.74 -6.02 24.11
C THR A 111 4.22 -7.33 23.50
N LEU A 112 4.20 -7.38 22.17
CA LEU A 112 3.69 -8.55 21.46
C LEU A 112 4.55 -9.80 21.62
N THR A 113 3.90 -10.88 22.03
CA THR A 113 4.56 -12.17 22.21
C THR A 113 4.43 -12.94 20.90
N GLN A 114 5.04 -14.10 20.83
CA GLN A 114 4.97 -14.93 19.63
C GLN A 114 3.52 -15.30 19.35
N GLU A 115 2.76 -15.56 20.42
CA GLU A 115 1.35 -15.91 20.29
C GLU A 115 0.55 -14.72 19.77
N ASP A 116 0.93 -13.52 20.18
CA ASP A 116 0.24 -12.32 19.72
C ASP A 116 0.49 -12.13 18.22
N VAL A 117 1.74 -12.34 17.80
CA VAL A 117 2.10 -12.20 16.39
C VAL A 117 1.33 -13.24 15.58
N GLU A 118 1.17 -14.44 16.12
CA GLU A 118 0.43 -15.48 15.45
C GLU A 118 -1.04 -15.10 15.32
N ALA A 119 -1.59 -14.45 16.34
CA ALA A 119 -2.98 -14.01 16.31
C ALA A 119 -3.13 -12.91 15.28
N LEU A 120 -2.12 -12.04 15.19
CA LEU A 120 -2.14 -10.96 14.23
C LEU A 120 -2.11 -11.50 12.81
N GLU A 121 -1.25 -12.48 12.56
CA GLU A 121 -1.16 -13.07 11.22
C GLU A 121 -2.46 -13.76 10.86
N LYS A 122 -3.08 -14.43 11.85
CA LYS A 122 -4.35 -15.10 11.61
C LYS A 122 -5.40 -14.10 11.13
N ARG A 123 -5.52 -12.97 11.82
CA ARG A 123 -6.50 -11.94 11.44
C ARG A 123 -6.17 -11.38 10.05
N MET A 124 -4.89 -11.20 9.76
CA MET A 124 -4.49 -10.70 8.43
C MET A 124 -5.01 -11.64 7.34
N HIS A 125 -4.84 -12.94 7.55
CA HIS A 125 -5.30 -13.91 6.58
C HIS A 125 -6.81 -13.83 6.41
N GLU A 126 -7.53 -13.69 7.51
CA GLU A 126 -9.00 -13.61 7.43
C GLU A 126 -9.42 -12.37 6.63
N LEU A 127 -8.77 -11.24 6.90
CA LEU A 127 -9.14 -10.00 6.21
C LEU A 127 -8.78 -10.03 4.72
N ALA A 128 -7.60 -10.55 4.41
CA ALA A 128 -7.18 -10.61 3.02
C ALA A 128 -8.09 -11.53 2.22
N GLU A 129 -8.54 -12.61 2.85
CA GLU A 129 -9.41 -13.58 2.19
C GLU A 129 -10.77 -12.99 1.83
N LYS A 130 -11.11 -11.84 2.40
CA LYS A 130 -12.40 -11.20 2.08
C LYS A 130 -12.34 -10.61 0.67
N ASN A 131 -11.15 -10.51 0.10
CA ASN A 131 -10.96 -9.98 -1.24
C ASN A 131 -11.62 -8.63 -1.46
N TYR A 132 -11.37 -7.71 -0.52
CA TYR A 132 -11.95 -6.38 -0.62
C TYR A 132 -11.10 -5.47 -1.52
N ASP A 133 -11.76 -4.48 -2.13
CA ASP A 133 -11.06 -3.53 -2.99
C ASP A 133 -10.30 -2.53 -2.13
N VAL A 134 -9.14 -2.12 -2.63
CA VAL A 134 -8.35 -1.11 -1.94
C VAL A 134 -8.78 0.17 -2.66
N ILE A 135 -9.23 1.15 -1.89
CA ILE A 135 -9.70 2.40 -2.47
C ILE A 135 -8.69 3.51 -2.25
N LYS A 136 -8.25 4.11 -3.34
CA LYS A 136 -7.27 5.19 -3.28
C LYS A 136 -7.92 6.55 -3.46
N LYS A 137 -7.47 7.52 -2.68
CA LYS A 137 -7.97 8.89 -2.77
C LYS A 137 -6.84 9.85 -2.50
N LYS A 138 -6.58 10.74 -3.46
CA LYS A 138 -5.53 11.75 -3.30
C LYS A 138 -6.21 12.96 -2.66
N VAL A 139 -5.68 13.44 -1.55
CA VAL A 139 -6.28 14.55 -0.83
C VAL A 139 -5.28 15.65 -0.53
N SER A 140 -5.75 16.72 0.11
CA SER A 140 -4.87 17.82 0.46
C SER A 140 -4.08 17.43 1.71
N TRP A 141 -3.00 18.17 1.96
CA TRP A 141 -2.15 17.93 3.11
C TRP A 141 -3.01 17.98 4.38
N HIS A 142 -3.82 19.02 4.51
CA HIS A 142 -4.66 19.15 5.70
C HIS A 142 -5.73 18.05 5.82
N GLU A 143 -6.31 17.64 4.70
CA GLU A 143 -7.32 16.58 4.75
C GLU A 143 -6.70 15.31 5.30
N ALA A 144 -5.46 15.04 4.89
CA ALA A 144 -4.77 13.84 5.38
C ALA A 144 -4.47 14.01 6.87
N ARG A 145 -4.03 15.21 7.26
CA ARG A 145 -3.70 15.44 8.67
C ARG A 145 -4.94 15.27 9.54
N GLU A 146 -6.08 15.80 9.10
CA GLU A 146 -7.29 15.65 9.90
C GLU A 146 -7.72 14.20 9.99
N THR A 147 -7.56 13.45 8.89
CA THR A 147 -7.94 12.04 8.88
C THR A 147 -7.19 11.28 9.95
N PHE A 148 -5.88 11.50 10.04
CA PHE A 148 -5.08 10.79 11.02
C PHE A 148 -5.18 11.37 12.42
N ALA A 149 -5.34 12.68 12.53
CA ALA A 149 -5.48 13.28 13.85
C ALA A 149 -6.74 12.72 14.50
N ASN A 150 -7.81 12.55 13.72
CA ASN A 150 -9.05 12.03 14.25
C ASN A 150 -8.93 10.57 14.66
N ARG A 151 -8.00 9.85 14.04
CA ARG A 151 -7.79 8.45 14.37
C ARG A 151 -6.77 8.32 15.50
N GLY A 152 -6.30 9.46 16.00
CA GLY A 152 -5.30 9.46 17.06
C GLY A 152 -3.94 8.96 16.61
N GLU A 153 -3.70 8.99 15.31
CA GLU A 153 -2.44 8.51 14.74
C GLU A 153 -1.37 9.60 14.72
N SER A 154 -0.78 9.84 15.89
CA SER A 154 0.24 10.87 16.04
C SER A 154 1.50 10.72 15.21
N TYR A 155 1.88 9.49 14.86
CA TYR A 155 3.07 9.33 14.04
C TYR A 155 2.77 9.74 12.61
N LYS A 156 1.58 9.39 12.12
CA LYS A 156 1.20 9.78 10.77
C LYS A 156 1.08 11.31 10.71
N VAL A 157 0.57 11.90 11.80
CA VAL A 157 0.46 13.36 11.86
C VAL A 157 1.85 13.99 11.85
N SER A 158 2.80 13.39 12.56
CA SER A 158 4.16 13.91 12.61
C SER A 158 4.79 13.82 11.22
N ILE A 159 4.48 12.75 10.50
CA ILE A 159 5.00 12.57 9.16
C ILE A 159 4.48 13.71 8.27
N LEU A 160 3.20 14.04 8.41
CA LEU A 160 2.63 15.16 7.63
C LEU A 160 3.30 16.49 8.03
N ASP A 161 3.48 16.71 9.33
CA ASP A 161 4.07 17.96 9.79
C ASP A 161 5.52 18.15 9.38
N GLU A 162 6.30 17.07 9.40
CA GLU A 162 7.72 17.17 9.09
C GLU A 162 8.21 16.67 7.74
N ASN A 163 7.49 15.73 7.15
CA ASN A 163 7.97 15.11 5.93
C ASN A 163 7.16 15.20 4.65
N ILE A 164 6.04 15.90 4.69
CA ILE A 164 5.22 16.05 3.49
C ILE A 164 4.90 17.53 3.32
N ALA A 165 5.22 18.07 2.15
CA ALA A 165 4.97 19.49 1.88
C ALA A 165 3.49 19.84 1.84
N HIS A 166 3.16 21.07 2.23
CA HIS A 166 1.79 21.56 2.24
C HIS A 166 1.15 21.51 0.86
N ASP A 167 1.96 21.62 -0.19
CA ASP A 167 1.42 21.60 -1.54
C ASP A 167 1.36 20.19 -2.14
N ASP A 168 1.88 19.20 -1.42
CA ASP A 168 1.82 17.83 -1.94
C ASP A 168 0.44 17.28 -1.63
N LYS A 169 0.01 16.29 -2.41
CA LYS A 169 -1.29 15.68 -2.21
C LYS A 169 -1.09 14.26 -1.70
N PRO A 170 -1.25 14.04 -0.40
CA PRO A 170 -1.07 12.71 0.17
C PRO A 170 -1.99 11.66 -0.45
N GLY A 171 -1.45 10.46 -0.67
CA GLY A 171 -2.26 9.40 -1.19
C GLY A 171 -2.81 8.59 -0.04
N LEU A 172 -4.13 8.51 0.08
CA LEU A 172 -4.75 7.72 1.14
C LEU A 172 -5.25 6.43 0.53
N TYR A 173 -5.04 5.33 1.25
CA TYR A 173 -5.48 4.03 0.78
C TYR A 173 -6.41 3.46 1.85
N PHE A 174 -7.66 3.22 1.46
CA PHE A 174 -8.66 2.69 2.37
C PHE A 174 -8.83 1.18 2.24
N HIS A 175 -8.72 0.51 3.37
CA HIS A 175 -8.85 -0.94 3.47
C HIS A 175 -10.01 -1.13 4.44
N GLU A 176 -11.22 -1.13 3.90
CA GLU A 176 -12.43 -1.23 4.70
C GLU A 176 -12.39 -0.06 5.68
N GLU A 177 -12.41 -0.30 6.99
CA GLU A 177 -12.39 0.81 7.96
C GLU A 177 -11.00 1.37 8.24
N TYR A 178 -9.97 0.68 7.79
CA TYR A 178 -8.59 1.08 7.98
C TYR A 178 -8.15 2.04 6.88
N VAL A 179 -7.26 2.98 7.21
CA VAL A 179 -6.75 3.91 6.21
C VAL A 179 -5.25 4.12 6.46
N ASP A 180 -4.48 4.15 5.38
CA ASP A 180 -3.05 4.39 5.49
C ASP A 180 -2.68 5.47 4.46
N MET A 181 -1.43 5.91 4.52
CA MET A 181 -0.95 6.99 3.65
C MET A 181 0.31 6.50 2.92
N CYS A 182 0.35 6.73 1.61
CA CYS A 182 1.49 6.20 0.87
C CYS A 182 1.63 6.77 -0.53
N ARG A 183 2.82 6.57 -1.11
CA ARG A 183 3.08 6.95 -2.49
C ARG A 183 2.63 5.76 -3.33
N GLY A 184 2.56 4.58 -2.73
CA GLY A 184 2.14 3.38 -3.45
C GLY A 184 3.10 3.03 -4.58
N PRO A 185 2.65 2.27 -5.58
CA PRO A 185 1.29 1.74 -5.71
C PRO A 185 0.94 0.67 -4.69
N HIS A 186 -0.35 0.40 -4.61
CA HIS A 186 -0.86 -0.68 -3.78
C HIS A 186 -1.70 -1.58 -4.65
N VAL A 187 -1.96 -2.79 -4.17
CA VAL A 187 -2.77 -3.70 -4.97
C VAL A 187 -4.17 -3.13 -5.16
N PRO A 188 -4.87 -3.55 -6.23
CA PRO A 188 -6.23 -3.04 -6.44
C PRO A 188 -7.26 -3.75 -5.54
N ASN A 189 -6.89 -4.94 -5.08
CA ASN A 189 -7.80 -5.76 -4.28
C ASN A 189 -6.91 -6.75 -3.51
N MET A 190 -7.34 -7.09 -2.29
CA MET A 190 -6.54 -7.98 -1.45
C MET A 190 -6.42 -9.42 -1.94
N ARG A 191 -7.08 -9.74 -3.04
CA ARG A 191 -6.98 -11.09 -3.61
C ARG A 191 -5.53 -11.38 -3.99
N PHE A 192 -4.75 -10.32 -4.18
CA PHE A 192 -3.34 -10.44 -4.55
C PHE A 192 -2.43 -10.64 -3.36
N CYS A 193 -2.99 -10.56 -2.16
CA CYS A 193 -2.22 -10.65 -0.91
C CYS A 193 -2.56 -11.83 0.00
N HIS A 194 -2.74 -13.01 -0.57
CA HIS A 194 -3.07 -14.17 0.24
C HIS A 194 -1.85 -14.96 0.70
N HIS A 195 -0.70 -14.72 0.08
CA HIS A 195 0.50 -15.47 0.41
C HIS A 195 1.53 -14.64 1.16
N PHE A 196 1.52 -14.79 2.48
CA PHE A 196 2.43 -14.04 3.34
C PHE A 196 2.54 -14.70 4.70
N LYS A 197 3.48 -14.21 5.49
CA LYS A 197 3.67 -14.71 6.85
C LYS A 197 4.39 -13.65 7.64
N LEU A 198 4.16 -13.66 8.95
CA LEU A 198 4.85 -12.74 9.82
C LEU A 198 6.00 -13.53 10.42
N MET A 199 7.09 -12.83 10.72
CA MET A 199 8.28 -13.47 11.29
C MET A 199 8.44 -13.03 12.73
N LYS A 200 9.54 -12.33 13.00
CA LYS A 200 9.82 -11.88 14.36
C LYS A 200 9.57 -10.40 14.52
N THR A 201 9.75 -9.94 15.75
CA THR A 201 9.61 -8.53 16.09
C THR A 201 10.95 -8.08 16.63
N ALA A 202 11.21 -6.78 16.54
CA ALA A 202 12.45 -6.19 17.02
C ALA A 202 12.13 -4.81 17.53
N GLY A 203 13.08 -4.19 18.22
CA GLY A 203 12.86 -2.85 18.71
C GLY A 203 13.40 -1.87 17.68
N ALA A 204 12.75 -0.73 17.52
CA ALA A 204 13.19 0.28 16.57
C ALA A 204 12.83 1.67 17.09
N TYR A 205 13.83 2.52 17.28
CA TYR A 205 13.60 3.87 17.76
C TYR A 205 12.94 4.70 16.68
N TRP A 206 11.92 5.46 17.07
CA TRP A 206 11.22 6.32 16.12
C TRP A 206 12.23 7.32 15.55
N ARG A 207 12.27 7.39 14.22
CA ARG A 207 13.18 8.27 13.48
C ARG A 207 14.64 7.96 13.76
N GLY A 208 14.88 6.78 14.34
CA GLY A 208 16.24 6.35 14.65
C GLY A 208 16.92 7.12 15.76
N ASP A 209 16.14 7.85 16.55
CA ASP A 209 16.67 8.66 17.64
C ASP A 209 16.46 7.93 18.96
N SER A 210 17.55 7.57 19.62
CA SER A 210 17.47 6.85 20.89
C SER A 210 16.77 7.63 22.00
N ASN A 211 16.52 8.92 21.75
CA ASN A 211 15.82 9.75 22.73
C ASN A 211 14.32 9.61 22.55
N ASN A 212 13.91 9.07 21.40
CA ASN A 212 12.51 8.87 21.11
C ASN A 212 12.07 7.49 21.57
N LYS A 213 10.77 7.23 21.47
CA LYS A 213 10.22 5.96 21.90
C LYS A 213 10.69 4.80 21.04
N MET A 214 10.95 3.66 21.67
CA MET A 214 11.36 2.47 20.93
C MET A 214 10.08 1.76 20.53
N LEU A 215 9.82 1.71 19.24
CA LEU A 215 8.62 1.07 18.74
C LEU A 215 8.88 -0.41 18.49
N GLN A 216 7.82 -1.16 18.22
CA GLN A 216 7.95 -2.58 17.94
C GLN A 216 7.89 -2.74 16.42
N ARG A 217 8.95 -3.30 15.86
CA ARG A 217 9.03 -3.55 14.42
C ARG A 217 8.57 -4.97 14.18
N ILE A 218 7.51 -5.11 13.38
CA ILE A 218 6.95 -6.43 13.07
C ILE A 218 7.33 -6.76 11.64
N TYR A 219 8.17 -7.78 11.47
CA TYR A 219 8.63 -8.21 10.17
C TYR A 219 7.76 -9.27 9.53
N GLY A 220 7.72 -9.25 8.21
CA GLY A 220 6.98 -10.24 7.47
C GLY A 220 7.51 -10.37 6.06
N THR A 221 6.91 -11.28 5.31
CA THR A 221 7.28 -11.42 3.92
C THR A 221 6.05 -11.85 3.18
N ALA A 222 6.08 -11.71 1.87
CA ALA A 222 4.95 -12.10 1.04
C ALA A 222 5.51 -12.51 -0.30
N TRP A 223 4.70 -13.27 -1.03
CA TRP A 223 5.12 -13.72 -2.34
C TRP A 223 3.87 -13.91 -3.20
N ALA A 224 4.06 -14.25 -4.47
CA ALA A 224 2.92 -14.47 -5.36
C ALA A 224 3.32 -15.32 -6.56
N10 SSA B . 1.95 3.18 3.56
CA SSA B . 2.58 2.97 4.86
CB SSA B . 2.35 1.51 5.32
OG SSA B . 2.84 0.59 4.37
C9 SSA B . 4.06 3.28 4.86
O9 SSA B . 4.62 3.65 5.89
N8 SSA B . 4.72 3.12 3.70
S1 SSA B . 6.22 3.59 3.46
O1S SSA B . 7.09 3.06 4.53
O2S SSA B . 6.57 3.30 2.05
O5' SSA B . 6.18 5.15 3.69
C5' SSA B . 5.40 6.01 2.87
C4' SSA B . 5.82 7.43 3.11
O4' SSA B . 6.04 8.12 1.85
C3' SSA B . 4.88 8.36 3.85
O3' SSA B . 4.89 8.12 5.26
C2' SSA B . 5.50 9.72 3.54
O2' SSA B . 6.58 10.00 4.41
C1' SSA B . 6.05 9.51 2.12
N9 SSA B . 5.34 10.23 1.08
C8 SSA B . 5.92 11.11 0.19
N7 SSA B . 5.06 11.68 -0.62
C5 SSA B . 3.83 11.13 -0.25
C6 SSA B . 2.53 11.33 -0.73
N6 SSA B . 2.22 12.19 -1.70
N1 SSA B . 1.53 10.62 -0.17
C2 SSA B . 1.84 9.77 0.83
N3 SSA B . 3.03 9.51 1.38
C4 SSA B . 4.00 10.22 0.78
#